data_9I58
#
_entry.id   9I58
#
_cell.length_a   36.686
_cell.length_b   39.763
_cell.length_c   48.28
_cell.angle_alpha   92.53
_cell.angle_beta   99.55
_cell.angle_gamma   113.45
#
_symmetry.space_group_name_H-M   'P 1'
#
loop_
_entity.id
_entity.type
_entity.pdbx_description
1 polymer '5-hydroxymethyl-dUMP N-hydrolase'
2 non-polymer '3-[2-fluoranyl-3-(trifluoromethyl)phenyl]-4-[[4-(methylamino)-6-propan-2-yl-quinazolin-2-yl]amino]benzoic acid'
3 water water
#
_entity_poly.entity_id   1
_entity_poly.type   'polypeptide(L)'
_entity_poly.pdbx_seq_one_letter_code
;MRPALYFCGSIRGGREDRTLYERIVSRLRRFGTVLTEHVAAAELGARGEEAAGGDRLIHEQDLEWLQQADVVVAEVTQPS
LGVGYELGRAVAFNKRILCLFRPQSGRVLSAMIRGAADGSRFQVWDYEEGEVEALLDRYFEADPLEENLYFQ
;
_entity_poly.pdbx_strand_id   A,B
#
# COMPACT_ATOMS: atom_id res chain seq x y z
N MET A 1 -3.49 11.19 28.43
CA MET A 1 -2.84 9.99 27.98
C MET A 1 -1.73 10.37 27.02
N ARG A 2 -0.82 9.46 26.85
CA ARG A 2 0.33 9.64 26.00
C ARG A 2 -0.12 9.67 24.52
N PRO A 3 0.74 10.20 23.66
CA PRO A 3 0.48 10.15 22.20
C PRO A 3 0.33 8.73 21.70
N ALA A 4 -0.41 8.56 20.60
CA ALA A 4 -0.64 7.23 20.04
C ALA A 4 0.17 7.09 18.76
N LEU A 5 0.94 6.04 18.70
CA LEU A 5 1.80 5.81 17.55
C LEU A 5 1.33 4.57 16.85
N TYR A 6 1.26 4.63 15.53
CA TYR A 6 0.88 3.44 14.74
C TYR A 6 2.13 2.84 14.09
N PHE A 7 2.47 1.61 14.40
CA PHE A 7 3.53 0.93 13.73
C PHE A 7 2.92 0.04 12.68
N CYS A 8 3.36 0.20 11.45
CA CYS A 8 2.86 -0.55 10.30
C CYS A 8 4.03 -1.37 9.72
N GLY A 9 3.86 -2.68 9.58
CA GLY A 9 4.84 -3.53 8.90
C GLY A 9 4.10 -4.73 8.34
N SER A 10 4.85 -5.58 7.64
CA SER A 10 4.23 -6.70 6.93
C SER A 10 3.97 -7.80 7.89
N ILE A 11 2.81 -8.43 7.72
CA ILE A 11 2.38 -9.48 8.59
C ILE A 11 3.18 -10.74 8.24
N ASP A 17 13.09 -9.58 9.84
CA ASP A 17 12.07 -8.54 9.94
C ASP A 17 11.43 -8.55 11.29
N ARG A 18 10.94 -9.69 11.82
CA ARG A 18 10.31 -9.70 13.15
C ARG A 18 11.24 -9.17 14.28
N THR A 19 12.53 -9.49 14.22
CA THR A 19 13.49 -8.99 15.21
C THR A 19 13.64 -7.45 15.10
N LEU A 20 13.70 -6.94 13.88
CA LEU A 20 13.81 -5.52 13.61
C LEU A 20 12.51 -4.86 14.00
N TYR A 21 11.34 -5.46 13.63
CA TYR A 21 10.06 -4.84 14.04
C TYR A 21 9.95 -4.73 15.55
N GLU A 22 10.43 -5.74 16.30
CA GLU A 22 10.35 -5.65 17.77
C GLU A 22 11.25 -4.53 18.29
N ARG A 23 12.43 -4.30 17.65
CA ARG A 23 13.27 -3.17 18.03
C ARG A 23 12.58 -1.84 17.73
N ILE A 24 11.88 -1.77 16.58
CA ILE A 24 11.19 -0.52 16.26
C ILE A 24 10.07 -0.24 17.25
N VAL A 25 9.23 -1.26 17.52
CA VAL A 25 8.12 -1.08 18.44
C VAL A 25 8.65 -0.72 19.83
N SER A 26 9.71 -1.40 20.27
CA SER A 26 10.28 -1.14 21.59
C SER A 26 10.75 0.33 21.69
N ARG A 27 11.43 0.83 20.67
CA ARG A 27 11.87 2.21 20.72
C ARG A 27 10.72 3.17 20.68
N LEU A 28 9.70 2.89 19.81
CA LEU A 28 8.57 3.81 19.75
C LEU A 28 7.81 3.93 21.05
N ARG A 29 7.82 2.88 21.88
CA ARG A 29 7.13 2.96 23.18
C ARG A 29 7.70 4.10 24.07
N ARG A 30 8.92 4.60 23.78
CA ARG A 30 9.46 5.73 24.56
C ARG A 30 8.73 7.04 24.26
N PHE A 31 8.00 7.07 23.13
CA PHE A 31 7.37 8.29 22.67
C PHE A 31 5.84 8.23 22.89
N GLY A 32 5.31 7.09 23.30
CA GLY A 32 3.86 6.91 23.48
C GLY A 32 3.39 5.49 23.34
N THR A 33 2.06 5.31 23.26
CA THR A 33 1.47 4.00 23.12
C THR A 33 1.53 3.55 21.70
N VAL A 34 2.02 2.34 21.44
CA VAL A 34 2.08 1.81 20.09
C VAL A 34 0.80 1.00 19.93
N LEU A 35 -0.11 1.51 19.11
CA LEU A 35 -1.44 0.88 19.00
C LEU A 35 -1.40 -0.49 18.49
N THR A 36 -0.50 -0.80 17.59
CA THR A 36 -0.35 -2.11 16.95
C THR A 36 0.61 -3.04 17.65
N GLU A 37 1.01 -2.72 18.89
CA GLU A 37 2.02 -3.55 19.55
C GLU A 37 1.66 -5.03 19.70
N HIS A 38 0.35 -5.36 19.91
CA HIS A 38 -0.03 -6.78 20.07
C HIS A 38 -0.11 -7.48 18.72
N VAL A 39 -0.39 -6.75 17.64
CA VAL A 39 -0.38 -7.33 16.30
C VAL A 39 1.06 -7.74 15.97
N ALA A 40 2.03 -6.84 16.27
CA ALA A 40 3.44 -7.12 15.99
C ALA A 40 3.87 -8.33 16.88
N ALA A 41 3.43 -8.37 18.15
CA ALA A 41 3.85 -9.45 19.04
C ALA A 41 3.23 -10.79 18.73
N ASP A 55 -11.36 -11.09 8.18
CA ASP A 55 -10.64 -9.96 7.57
C ASP A 55 -11.36 -8.64 7.75
N ARG A 56 -12.71 -8.56 7.76
CA ARG A 56 -13.39 -7.28 7.96
C ARG A 56 -13.06 -6.72 9.35
N LEU A 57 -13.01 -7.57 10.36
CA LEU A 57 -12.69 -7.13 11.73
C LEU A 57 -11.26 -6.54 11.79
N ILE A 58 -10.36 -7.17 11.07
CA ILE A 58 -8.94 -6.73 11.02
C ILE A 58 -8.90 -5.37 10.33
N HIS A 59 -9.60 -5.26 9.19
CA HIS A 59 -9.57 -4.00 8.42
C HIS A 59 -10.12 -2.88 9.23
N GLU A 60 -11.26 -3.11 9.93
CA GLU A 60 -11.87 -2.06 10.74
C GLU A 60 -10.98 -1.64 11.91
N GLN A 61 -10.28 -2.59 12.56
CA GLN A 61 -9.47 -2.27 13.71
C GLN A 61 -8.27 -1.47 13.27
N ASP A 62 -7.56 -1.89 12.18
CA ASP A 62 -6.44 -1.08 11.73
C ASP A 62 -6.89 0.31 11.32
N LEU A 63 -8.07 0.43 10.64
CA LEU A 63 -8.58 1.75 10.26
C LEU A 63 -8.85 2.61 11.46
N GLU A 64 -9.46 2.03 12.52
CA GLU A 64 -9.72 2.80 13.77
C GLU A 64 -8.40 3.32 14.36
N TRP A 65 -7.39 2.48 14.45
CA TRP A 65 -6.10 2.86 14.99
C TRP A 65 -5.40 3.88 14.11
N LEU A 66 -5.46 3.74 12.76
CA LEU A 66 -4.82 4.73 11.90
C LEU A 66 -5.41 6.09 12.14
N GLN A 67 -6.75 6.16 12.28
CA GLN A 67 -7.35 7.51 12.53
C GLN A 67 -6.95 8.06 13.87
N GLN A 68 -6.76 7.22 14.88
CA GLN A 68 -6.34 7.62 16.23
C GLN A 68 -4.90 8.05 16.28
N ALA A 69 -4.05 7.58 15.38
CA ALA A 69 -2.63 7.83 15.47
C ALA A 69 -2.25 9.26 15.40
N ASP A 70 -1.24 9.64 16.21
CA ASP A 70 -0.56 10.92 16.06
C ASP A 70 0.55 10.88 14.97
N VAL A 71 1.07 9.69 14.71
CA VAL A 71 2.12 9.47 13.73
C VAL A 71 2.04 8.01 13.30
N VAL A 72 2.31 7.78 12.06
CA VAL A 72 2.38 6.44 11.47
C VAL A 72 3.86 6.15 11.07
N VAL A 73 4.46 5.13 11.65
CA VAL A 73 5.83 4.72 11.32
C VAL A 73 5.66 3.37 10.63
N ALA A 74 6.11 3.29 9.38
CA ALA A 74 5.94 2.06 8.57
C ALA A 74 7.26 1.52 8.13
N GLU A 75 7.49 0.22 8.31
CA GLU A 75 8.71 -0.40 7.80
C GLU A 75 8.26 -0.97 6.44
N VAL A 76 8.76 -0.40 5.37
CA VAL A 76 8.36 -0.70 3.99
C VAL A 76 9.38 -1.52 3.20
N THR A 77 10.22 -2.26 3.87
CA THR A 77 11.23 -3.08 3.14
C THR A 77 10.58 -4.30 2.49
N GLN A 78 9.69 -5.00 3.17
CA GLN A 78 9.05 -6.19 2.60
C GLN A 78 7.84 -5.76 1.82
N PRO A 79 7.72 -6.10 0.53
CA PRO A 79 6.51 -5.73 -0.22
C PRO A 79 5.27 -6.28 0.42
N SER A 80 4.28 -5.42 0.60
CA SER A 80 3.05 -5.84 1.28
C SER A 80 1.93 -5.00 0.73
N LEU A 81 0.85 -5.66 0.30
CA LEU A 81 -0.36 -4.92 -0.08
C LEU A 81 -0.97 -4.28 1.13
N GLY A 82 -0.90 -4.92 2.35
CA GLY A 82 -1.51 -4.33 3.54
C GLY A 82 -0.80 -3.05 3.94
N VAL A 83 0.54 -3.06 3.93
CA VAL A 83 1.30 -1.86 4.32
C VAL A 83 1.02 -0.75 3.37
N GLY A 84 1.00 -1.09 2.09
CA GLY A 84 0.73 -0.11 1.06
C GLY A 84 -0.66 0.49 1.23
N TYR A 85 -1.66 -0.34 1.47
CA TYR A 85 -3.03 0.11 1.65
C TYR A 85 -3.15 1.02 2.84
N GLU A 86 -2.49 0.67 3.96
CA GLU A 86 -2.56 1.53 5.18
C GLU A 86 -1.87 2.83 4.92
N LEU A 87 -0.79 2.87 4.14
CA LEU A 87 -0.16 4.14 3.79
C LEU A 87 -1.07 4.99 2.92
N GLY A 88 -1.78 4.38 2.00
CA GLY A 88 -2.72 5.13 1.16
C GLY A 88 -3.87 5.70 1.96
N ARG A 89 -4.43 4.91 2.89
CA ARG A 89 -5.49 5.43 3.78
C ARG A 89 -4.91 6.55 4.69
N ALA A 90 -3.71 6.33 5.23
CA ALA A 90 -3.05 7.34 6.10
C ALA A 90 -2.85 8.67 5.38
N VAL A 91 -2.40 8.66 4.11
CA VAL A 91 -2.27 9.91 3.36
C VAL A 91 -3.62 10.58 3.18
N ALA A 92 -4.63 9.81 2.85
CA ALA A 92 -5.96 10.34 2.70
C ALA A 92 -6.52 10.90 4.05
N PHE A 93 -6.05 10.38 5.22
CA PHE A 93 -6.38 10.92 6.55
C PHE A 93 -5.47 12.12 6.95
N ASN A 94 -4.56 12.54 6.09
CA ASN A 94 -3.56 13.60 6.28
C ASN A 94 -2.72 13.34 7.51
N LYS A 95 -2.27 12.09 7.69
CA LYS A 95 -1.44 11.74 8.80
C LYS A 95 0.03 12.08 8.61
N ARG A 96 0.75 12.26 9.74
CA ARG A 96 2.18 12.45 9.74
C ARG A 96 2.74 11.02 9.56
N ILE A 97 3.54 10.76 8.54
CA ILE A 97 4.02 9.43 8.18
C ILE A 97 5.54 9.40 8.03
N LEU A 98 6.17 8.40 8.62
CA LEU A 98 7.58 8.14 8.39
C LEU A 98 7.67 6.70 7.87
N CYS A 99 8.26 6.48 6.69
CA CYS A 99 8.51 5.15 6.17
C CYS A 99 9.99 4.90 6.28
N LEU A 100 10.35 3.69 6.65
CA LEU A 100 11.71 3.21 6.88
C LEU A 100 12.00 2.09 5.91
N PHE A 101 13.01 2.25 5.03
CA PHE A 101 13.30 1.24 4.03
C PHE A 101 14.76 0.88 4.16
N ARG A 102 15.09 -0.42 4.08
CA ARG A 102 16.48 -0.88 4.16
C ARG A 102 16.98 -1.32 2.79
N PRO A 103 17.81 -0.49 2.15
CA PRO A 103 18.33 -0.89 0.83
C PRO A 103 19.20 -2.17 0.93
N GLN A 104 19.75 -2.51 2.10
CA GLN A 104 20.55 -3.76 2.22
C GLN A 104 19.72 -5.04 1.97
N SER A 105 18.39 -4.90 1.87
CA SER A 105 17.52 -6.00 1.46
C SER A 105 17.75 -6.42 0.01
N GLY A 106 18.30 -5.51 -0.77
CA GLY A 106 18.48 -5.72 -2.19
C GLY A 106 17.36 -5.19 -3.05
N ARG A 107 16.23 -4.83 -2.41
CA ARG A 107 15.04 -4.39 -3.13
C ARG A 107 15.09 -2.98 -3.62
N VAL A 108 14.21 -2.67 -4.61
CA VAL A 108 14.03 -1.32 -5.07
C VAL A 108 12.65 -0.94 -4.52
N LEU A 109 12.58 0.07 -3.64
CA LEU A 109 11.30 0.51 -3.05
C LEU A 109 10.37 0.98 -4.15
N SER A 110 9.11 0.60 -4.09
CA SER A 110 8.11 1.04 -5.02
C SER A 110 8.14 2.53 -5.26
N ALA A 111 8.08 2.87 -6.55
CA ALA A 111 8.01 4.30 -6.87
C ALA A 111 6.84 5.04 -6.32
N MET A 112 5.75 4.33 -6.00
CA MET A 112 4.60 4.96 -5.43
C MET A 112 4.85 5.47 -4.00
N ILE A 113 5.69 4.74 -3.26
CA ILE A 113 5.98 5.10 -1.89
C ILE A 113 7.02 6.17 -1.89
N ARG A 114 8.11 6.01 -2.66
CA ARG A 114 9.13 7.10 -2.71
C ARG A 114 8.51 8.37 -3.22
N GLY A 115 7.68 8.26 -4.26
CA GLY A 115 7.01 9.39 -4.89
C GLY A 115 6.02 10.12 -4.04
N ALA A 116 5.43 9.44 -3.01
CA ALA A 116 4.46 10.06 -2.11
C ALA A 116 5.12 11.04 -1.15
N ALA A 117 6.43 10.90 -0.97
CA ALA A 117 7.21 11.73 -0.08
C ALA A 117 7.14 13.19 -0.40
N ASP A 118 7.00 14.01 0.64
CA ASP A 118 7.08 15.45 0.42
C ASP A 118 8.12 16.11 1.37
N GLY A 119 8.96 15.31 2.03
CA GLY A 119 10.02 15.76 2.92
C GLY A 119 9.58 16.35 4.24
N SER A 120 8.28 16.46 4.46
CA SER A 120 7.75 17.01 5.69
C SER A 120 6.70 16.09 6.35
N ARG A 121 5.45 16.12 5.91
CA ARG A 121 4.39 15.26 6.45
C ARG A 121 4.51 13.77 6.04
N PHE A 122 5.20 13.50 4.94
CA PHE A 122 5.39 12.10 4.49
C PHE A 122 6.83 12.00 4.10
N GLN A 123 7.59 11.28 4.91
CA GLN A 123 9.01 11.11 4.74
C GLN A 123 9.38 9.67 4.52
N VAL A 124 10.35 9.43 3.66
CA VAL A 124 10.86 8.11 3.39
C VAL A 124 12.35 8.10 3.68
N TRP A 125 12.81 7.32 4.68
CA TRP A 125 14.25 7.28 5.01
C TRP A 125 14.79 5.93 4.72
N ASP A 126 15.90 5.88 3.94
CA ASP A 126 16.68 4.67 3.74
C ASP A 126 17.58 4.51 4.99
N TYR A 127 17.67 3.28 5.52
CA TYR A 127 18.45 3.07 6.73
C TYR A 127 19.14 1.73 6.76
N GLU A 128 20.18 1.65 7.54
CA GLU A 128 20.93 0.42 7.85
C GLU A 128 20.36 -0.14 9.18
N GLU A 129 20.16 -1.44 9.31
CA GLU A 129 19.56 -2.02 10.49
C GLU A 129 20.10 -1.52 11.83
N GLY A 130 21.40 -1.36 11.97
CA GLY A 130 21.96 -0.96 13.27
C GLY A 130 21.54 0.40 13.78
N GLU A 131 21.16 1.31 12.87
CA GLU A 131 20.83 2.70 13.25
C GLU A 131 19.37 3.04 13.48
N VAL A 132 18.48 2.06 13.45
CA VAL A 132 17.04 2.41 13.49
C VAL A 132 16.65 3.13 14.79
N GLU A 133 17.23 2.76 15.92
CA GLU A 133 16.85 3.41 17.19
C GLU A 133 17.30 4.86 17.16
N ALA A 134 18.51 5.13 16.66
CA ALA A 134 19.00 6.51 16.57
C ALA A 134 18.20 7.36 15.59
N LEU A 135 17.72 6.75 14.50
CA LEU A 135 16.92 7.50 13.55
C LEU A 135 15.56 7.83 14.14
N LEU A 136 14.95 6.89 14.87
CA LEU A 136 13.65 7.21 15.51
C LEU A 136 13.84 8.30 16.58
N ASP A 137 14.94 8.27 17.37
CA ASP A 137 15.17 9.41 18.30
C ASP A 137 15.33 10.70 17.51
N ARG A 138 16.03 10.68 16.36
CA ARG A 138 16.26 11.90 15.57
C ARG A 138 14.95 12.48 15.07
N TYR A 139 14.08 11.58 14.60
CA TYR A 139 12.80 12.00 14.06
C TYR A 139 11.93 12.66 15.10
N PHE A 140 11.86 12.12 16.32
CA PHE A 140 11.01 12.74 17.35
C PHE A 140 11.69 13.97 17.98
N GLU A 141 13.02 14.06 17.97
CA GLU A 141 13.71 15.24 18.51
C GLU A 141 13.42 16.44 17.62
N ALA A 142 13.33 16.23 16.30
CA ALA A 142 13.04 17.31 15.37
C ALA A 142 11.61 17.82 15.42
N ASP A 143 10.65 16.96 15.77
CA ASP A 143 9.24 17.35 15.85
C ASP A 143 8.60 16.43 16.92
N PRO A 144 8.82 16.74 18.20
CA PRO A 144 8.34 15.83 19.25
C PRO A 144 6.82 15.78 19.39
N LEU A 145 6.34 14.67 19.93
CA LEU A 145 4.91 14.50 20.23
C LEU A 145 4.61 15.10 21.61
N GLU A 146 5.62 15.12 22.52
CA GLU A 146 5.55 15.68 23.87
C GLU A 146 6.78 16.50 23.99
N GLU A 147 6.65 17.70 24.54
CA GLU A 147 7.85 18.52 24.68
C GLU A 147 8.74 18.03 25.82
N ASN A 148 10.06 18.32 25.77
CA ASN A 148 11.00 17.94 26.81
C ASN A 148 10.77 18.75 28.09
N LEU A 149 11.19 18.22 29.23
CA LEU A 149 11.16 18.99 30.47
C LEU A 149 12.28 20.05 30.43
N TYR A 150 12.20 21.03 31.34
CA TYR A 150 13.24 22.02 31.50
C TYR A 150 14.29 21.31 32.40
N PRO B 3 -16.28 4.94 -20.68
CA PRO B 3 -15.63 4.75 -19.36
C PRO B 3 -14.10 4.76 -19.39
N ALA B 4 -13.49 5.30 -18.35
CA ALA B 4 -12.07 5.35 -18.11
C ALA B 4 -11.79 4.27 -17.08
N LEU B 5 -10.94 3.34 -17.43
CA LEU B 5 -10.67 2.16 -16.60
C LEU B 5 -9.23 2.20 -16.15
N TYR B 6 -9.02 2.00 -14.85
CA TYR B 6 -7.64 2.00 -14.33
C TYR B 6 -7.21 0.60 -14.07
N PHE B 7 -6.21 0.08 -14.78
CA PHE B 7 -5.67 -1.24 -14.45
C PHE B 7 -4.50 -1.07 -13.50
N CYS B 8 -4.60 -1.64 -12.32
CA CYS B 8 -3.60 -1.54 -11.27
C CYS B 8 -2.96 -2.90 -11.15
N GLY B 9 -1.70 -3.00 -11.41
CA GLY B 9 -0.91 -4.21 -11.18
C GLY B 9 0.41 -3.86 -10.56
N SER B 10 1.23 -4.87 -10.29
CA SER B 10 2.51 -4.63 -9.67
C SER B 10 3.65 -4.64 -10.64
N ILE B 11 4.76 -3.98 -10.28
CA ILE B 11 5.97 -4.08 -11.14
C ILE B 11 6.43 -5.54 -11.18
N ARG B 12 6.45 -6.22 -10.04
CA ARG B 12 6.85 -7.65 -10.02
C ARG B 12 5.89 -8.50 -10.89
N GLY B 13 4.58 -8.26 -10.76
CA GLY B 13 3.59 -8.95 -11.57
C GLY B 13 3.69 -8.63 -13.05
N GLY B 14 4.14 -7.44 -13.38
CA GLY B 14 4.32 -7.04 -14.78
C GLY B 14 5.41 -7.84 -15.46
N ARG B 15 6.32 -8.44 -14.67
CA ARG B 15 7.36 -9.31 -15.18
C ARG B 15 6.88 -10.80 -15.08
N GLU B 16 6.49 -11.26 -13.87
CA GLU B 16 6.10 -12.66 -13.62
C GLU B 16 4.73 -13.08 -14.16
N ASP B 17 3.80 -12.13 -14.28
CA ASP B 17 2.44 -12.33 -14.80
C ASP B 17 2.24 -11.50 -16.06
N ARG B 18 3.31 -11.25 -16.87
CA ARG B 18 3.18 -10.43 -18.09
C ARG B 18 2.02 -10.85 -19.02
N THR B 19 1.96 -12.17 -19.41
CA THR B 19 0.89 -12.56 -20.35
C THR B 19 -0.49 -12.39 -19.75
N LEU B 20 -0.62 -12.64 -18.46
CA LEU B 20 -1.89 -12.50 -17.77
C LEU B 20 -2.27 -10.99 -17.73
N TYR B 21 -1.33 -10.09 -17.39
CA TYR B 21 -1.63 -8.65 -17.43
C TYR B 21 -2.02 -8.19 -18.84
N GLU B 22 -1.37 -8.73 -19.84
CA GLU B 22 -1.74 -8.35 -21.22
C GLU B 22 -3.18 -8.78 -21.56
N ARG B 23 -3.58 -9.97 -21.12
CA ARG B 23 -4.94 -10.49 -21.30
C ARG B 23 -5.98 -9.63 -20.58
N ILE B 24 -5.66 -9.18 -19.36
CA ILE B 24 -6.58 -8.35 -18.60
C ILE B 24 -6.71 -6.99 -19.31
N VAL B 25 -5.57 -6.32 -19.63
CA VAL B 25 -5.67 -5.03 -20.32
C VAL B 25 -6.46 -5.16 -21.68
N SER B 26 -6.16 -6.22 -22.44
CA SER B 26 -6.85 -6.49 -23.72
C SER B 26 -8.36 -6.62 -23.51
N ARG B 27 -8.78 -7.34 -22.48
CA ARG B 27 -10.20 -7.53 -22.26
C ARG B 27 -10.85 -6.23 -21.81
N LEU B 28 -10.15 -5.48 -20.89
CA LEU B 28 -10.69 -4.23 -20.39
C LEU B 28 -10.91 -3.20 -21.55
N ARG B 29 -10.07 -3.26 -22.58
CA ARG B 29 -10.26 -2.31 -23.70
C ARG B 29 -11.61 -2.45 -24.40
N ARG B 30 -12.26 -3.59 -24.27
CA ARG B 30 -13.58 -3.78 -24.90
C ARG B 30 -14.63 -2.92 -24.15
N PHE B 31 -14.38 -2.54 -22.85
CA PHE B 31 -15.32 -1.78 -22.07
C PHE B 31 -15.01 -0.27 -22.04
N GLY B 32 -13.77 0.11 -22.28
CA GLY B 32 -13.44 1.52 -22.21
C GLY B 32 -11.96 1.76 -22.40
N THR B 33 -11.51 2.94 -22.02
CA THR B 33 -10.10 3.28 -22.24
C THR B 33 -9.29 2.83 -21.04
N VAL B 34 -8.15 2.13 -21.24
CA VAL B 34 -7.37 1.66 -20.09
C VAL B 34 -6.25 2.65 -19.85
N LEU B 35 -6.43 3.48 -18.80
CA LEU B 35 -5.52 4.61 -18.57
C LEU B 35 -4.07 4.18 -18.37
N THR B 36 -3.85 2.99 -17.87
CA THR B 36 -2.51 2.49 -17.52
C THR B 36 -1.95 1.53 -18.55
N GLU B 37 -2.57 1.48 -19.75
CA GLU B 37 -2.15 0.56 -20.80
C GLU B 37 -0.68 0.64 -21.14
N HIS B 38 -0.13 1.85 -21.20
CA HIS B 38 1.28 2.01 -21.60
C HIS B 38 2.23 1.60 -20.49
N VAL B 39 1.83 1.79 -19.24
CA VAL B 39 2.63 1.29 -18.09
C VAL B 39 2.67 -0.26 -18.13
N ALA B 40 1.51 -0.95 -18.36
CA ALA B 40 1.52 -2.40 -18.44
C ALA B 40 2.37 -2.89 -19.63
N ALA B 41 2.36 -2.13 -20.76
CA ALA B 41 3.12 -2.55 -21.95
C ALA B 41 4.60 -2.36 -21.81
N ALA B 42 5.05 -1.44 -20.95
CA ALA B 42 6.48 -1.15 -20.70
C ALA B 42 7.23 -2.34 -20.06
N GLU B 43 8.56 -2.36 -20.23
CA GLU B 43 9.41 -3.31 -19.55
C GLU B 43 9.96 -2.55 -18.33
N LEU B 44 9.38 -2.78 -17.14
CA LEU B 44 9.72 -2.08 -15.88
C LEU B 44 10.77 -2.77 -15.01
N ALA B 52 13.49 5.27 -12.51
CA ALA B 52 12.32 4.87 -13.30
C ALA B 52 11.69 6.05 -14.13
N GLY B 53 12.32 7.22 -14.13
CA GLY B 53 11.77 8.39 -14.83
C GLY B 53 11.30 9.48 -13.87
N GLY B 54 11.52 9.26 -12.58
CA GLY B 54 11.13 10.23 -11.54
C GLY B 54 10.02 9.66 -10.68
N ASP B 55 10.28 9.40 -9.40
CA ASP B 55 9.25 8.78 -8.56
C ASP B 55 8.08 9.71 -8.27
N ARG B 56 8.32 11.01 -8.05
CA ARG B 56 7.26 11.97 -7.81
C ARG B 56 6.41 12.10 -9.09
N LEU B 57 7.06 12.11 -10.30
CA LEU B 57 6.29 12.21 -11.56
C LEU B 57 5.36 10.98 -11.64
N ILE B 58 5.91 9.79 -11.38
CA ILE B 58 5.14 8.54 -11.40
C ILE B 58 3.95 8.60 -10.44
N HIS B 59 4.21 8.99 -9.18
CA HIS B 59 3.17 9.11 -8.21
C HIS B 59 2.07 10.04 -8.65
N GLU B 60 2.43 11.28 -9.09
CA GLU B 60 1.42 12.21 -9.53
C GLU B 60 0.61 11.72 -10.73
N GLN B 61 1.27 11.04 -11.70
CA GLN B 61 0.56 10.53 -12.86
C GLN B 61 -0.44 9.46 -12.49
N ASP B 62 -0.03 8.49 -11.65
CA ASP B 62 -0.97 7.45 -11.27
C ASP B 62 -2.12 8.05 -10.48
N LEU B 63 -1.84 9.05 -9.60
CA LEU B 63 -2.89 9.66 -8.83
C LEU B 63 -3.88 10.45 -9.69
N GLU B 64 -3.38 11.10 -10.78
CA GLU B 64 -4.28 11.80 -11.70
C GLU B 64 -5.17 10.80 -12.41
N TRP B 65 -4.56 9.70 -12.95
CA TRP B 65 -5.39 8.72 -13.64
C TRP B 65 -6.40 8.04 -12.64
N LEU B 66 -5.98 7.75 -11.38
CA LEU B 66 -6.85 7.15 -10.38
C LEU B 66 -8.02 8.05 -10.13
N GLN B 67 -7.78 9.38 -10.00
CA GLN B 67 -8.87 10.30 -9.74
C GLN B 67 -9.88 10.33 -10.85
N GLN B 68 -9.40 10.23 -12.11
CA GLN B 68 -10.26 10.31 -13.29
C GLN B 68 -11.01 9.00 -13.61
N ALA B 69 -10.58 7.89 -13.03
CA ALA B 69 -11.09 6.59 -13.40
C ALA B 69 -12.54 6.37 -12.98
N ASP B 70 -13.33 5.66 -13.79
CA ASP B 70 -14.68 5.21 -13.50
C ASP B 70 -14.63 3.93 -12.69
N VAL B 71 -13.62 3.07 -12.95
CA VAL B 71 -13.47 1.81 -12.23
C VAL B 71 -11.99 1.47 -12.11
N VAL B 72 -11.59 0.91 -10.97
CA VAL B 72 -10.21 0.41 -10.80
C VAL B 72 -10.27 -1.11 -10.76
N VAL B 73 -9.50 -1.78 -11.63
CA VAL B 73 -9.41 -3.25 -11.68
C VAL B 73 -7.98 -3.54 -11.29
N ALA B 74 -7.79 -4.23 -10.15
CA ALA B 74 -6.44 -4.47 -9.61
C ALA B 74 -6.11 -5.92 -9.54
N GLU B 75 -4.92 -6.30 -10.01
CA GLU B 75 -4.47 -7.66 -9.89
C GLU B 75 -3.61 -7.69 -8.66
N VAL B 76 -4.07 -8.36 -7.61
CA VAL B 76 -3.46 -8.36 -6.28
C VAL B 76 -2.83 -9.64 -5.83
N THR B 77 -2.41 -10.44 -6.77
CA THR B 77 -1.81 -11.74 -6.43
C THR B 77 -0.35 -11.56 -5.96
N GLN B 78 0.39 -10.66 -6.65
CA GLN B 78 1.77 -10.35 -6.19
C GLN B 78 1.76 -9.31 -5.12
N PRO B 79 2.37 -9.56 -3.96
CA PRO B 79 2.45 -8.49 -2.94
C PRO B 79 3.15 -7.25 -3.47
N SER B 80 2.59 -6.06 -3.24
CA SER B 80 3.18 -4.84 -3.75
C SER B 80 2.73 -3.71 -2.87
N LEU B 81 3.70 -2.90 -2.41
CA LEU B 81 3.34 -1.68 -1.67
C LEU B 81 2.63 -0.72 -2.63
N GLY B 82 3.04 -0.64 -3.92
CA GLY B 82 2.42 0.32 -4.83
C GLY B 82 0.97 -0.01 -5.12
N VAL B 83 0.63 -1.28 -5.33
CA VAL B 83 -0.73 -1.68 -5.60
C VAL B 83 -1.56 -1.44 -4.36
N GLY B 84 -1.02 -1.79 -3.16
CA GLY B 84 -1.77 -1.50 -1.92
C GLY B 84 -2.04 -0.03 -1.77
N TYR B 85 -1.03 0.79 -1.97
CA TYR B 85 -1.18 2.25 -1.83
C TYR B 85 -2.23 2.83 -2.76
N GLU B 86 -2.21 2.39 -3.99
CA GLU B 86 -3.22 2.86 -4.98
C GLU B 86 -4.61 2.42 -4.59
N LEU B 87 -4.75 1.19 -4.07
CA LEU B 87 -6.06 0.74 -3.56
C LEU B 87 -6.52 1.60 -2.33
N GLY B 88 -5.58 1.99 -1.45
CA GLY B 88 -5.97 2.83 -0.32
C GLY B 88 -6.40 4.21 -0.76
N ARG B 89 -5.68 4.79 -1.72
CA ARG B 89 -6.10 6.07 -2.26
C ARG B 89 -7.43 5.93 -2.99
N ALA B 90 -7.63 4.83 -3.71
CA ALA B 90 -8.87 4.62 -4.47
C ALA B 90 -10.07 4.50 -3.49
N VAL B 91 -9.93 3.76 -2.36
CA VAL B 91 -11.00 3.62 -1.40
C VAL B 91 -11.31 4.97 -0.79
N ALA B 92 -10.30 5.77 -0.49
CA ALA B 92 -10.57 7.10 0.09
C ALA B 92 -11.36 7.96 -0.89
N PHE B 93 -11.16 7.77 -2.22
CA PHE B 93 -11.94 8.47 -3.22
C PHE B 93 -13.30 7.82 -3.47
N ASN B 94 -13.62 6.66 -2.84
CA ASN B 94 -14.81 5.85 -3.02
C ASN B 94 -14.95 5.40 -4.48
N LYS B 95 -13.82 5.00 -5.08
CA LYS B 95 -13.86 4.45 -6.42
C LYS B 95 -14.50 3.06 -6.41
N ARG B 96 -15.10 2.72 -7.54
CA ARG B 96 -15.63 1.38 -7.75
C ARG B 96 -14.35 0.53 -8.06
N ILE B 97 -14.16 -0.55 -7.28
CA ILE B 97 -12.95 -1.33 -7.35
C ILE B 97 -13.22 -2.78 -7.48
N LEU B 98 -12.48 -3.46 -8.39
CA LEU B 98 -12.54 -4.93 -8.45
C LEU B 98 -11.10 -5.40 -8.25
N CYS B 99 -10.82 -6.25 -7.24
CA CYS B 99 -9.50 -6.87 -7.06
C CYS B 99 -9.61 -8.33 -7.47
N LEU B 100 -8.60 -8.82 -8.25
CA LEU B 100 -8.55 -10.18 -8.78
C LEU B 100 -7.38 -10.83 -8.14
N PHE B 101 -7.63 -11.96 -7.47
CA PHE B 101 -6.59 -12.65 -6.73
C PHE B 101 -6.60 -14.12 -7.16
N ARG B 102 -5.41 -14.73 -7.33
CA ARG B 102 -5.31 -16.17 -7.68
C ARG B 102 -4.84 -16.97 -6.48
N PRO B 103 -5.72 -17.76 -5.88
CA PRO B 103 -5.25 -18.58 -4.73
C PRO B 103 -4.33 -19.74 -5.14
N GLN B 104 -4.32 -20.13 -6.44
CA GLN B 104 -3.39 -21.22 -6.86
C GLN B 104 -1.94 -20.77 -6.68
N SER B 105 -1.69 -19.45 -6.61
CA SER B 105 -0.35 -18.95 -6.31
C SER B 105 0.19 -19.47 -4.98
N GLY B 106 -0.67 -19.88 -4.06
CA GLY B 106 -0.23 -20.27 -2.73
C GLY B 106 -0.25 -19.12 -1.73
N ARG B 107 -0.28 -17.86 -2.23
CA ARG B 107 -0.34 -16.70 -1.36
C ARG B 107 -1.63 -16.64 -0.53
N VAL B 108 -1.57 -15.88 0.62
CA VAL B 108 -2.71 -15.59 1.42
C VAL B 108 -2.85 -14.10 1.19
N LEU B 109 -3.95 -13.70 0.54
CA LEU B 109 -4.16 -12.28 0.25
C LEU B 109 -4.26 -11.52 1.58
N SER B 110 -3.62 -10.35 1.63
CA SER B 110 -3.62 -9.51 2.82
C SER B 110 -5.03 -9.34 3.33
N ALA B 111 -5.15 -9.52 4.65
CA ALA B 111 -6.41 -9.19 5.33
C ALA B 111 -6.91 -7.79 5.09
N MET B 112 -5.96 -6.85 4.88
CA MET B 112 -6.38 -5.49 4.65
C MET B 112 -7.13 -5.35 3.36
N ILE B 113 -6.76 -6.12 2.34
CA ILE B 113 -7.41 -6.04 1.04
C ILE B 113 -8.68 -6.84 1.04
N ARG B 114 -8.59 -8.09 1.55
CA ARG B 114 -9.83 -8.88 1.61
C ARG B 114 -10.88 -8.24 2.53
N GLY B 115 -10.43 -7.57 3.59
CA GLY B 115 -11.29 -6.93 4.55
C GLY B 115 -11.84 -5.59 4.14
N ALA B 116 -11.28 -4.97 3.09
CA ALA B 116 -11.79 -3.71 2.55
C ALA B 116 -13.06 -3.92 1.71
N ALA B 117 -13.35 -5.17 1.34
CA ALA B 117 -14.51 -5.50 0.58
C ALA B 117 -15.78 -5.14 1.33
N ASP B 118 -16.64 -4.43 0.63
CA ASP B 118 -18.02 -4.25 1.06
C ASP B 118 -18.95 -5.19 0.16
N GLY B 119 -18.36 -5.94 -0.80
CA GLY B 119 -19.08 -6.88 -1.64
C GLY B 119 -19.83 -6.28 -2.82
N SER B 120 -19.85 -4.94 -2.92
CA SER B 120 -20.55 -4.24 -4.01
C SER B 120 -19.64 -3.14 -4.64
N ARG B 121 -19.32 -2.09 -3.91
CA ARG B 121 -18.44 -1.03 -4.38
C ARG B 121 -16.95 -1.51 -4.50
N PHE B 122 -16.43 -2.14 -3.44
CA PHE B 122 -15.09 -2.74 -3.40
C PHE B 122 -15.35 -4.25 -3.38
N GLN B 123 -15.00 -4.98 -4.47
CA GLN B 123 -15.15 -6.43 -4.48
C GLN B 123 -13.79 -7.08 -4.69
N VAL B 124 -13.62 -8.28 -4.09
CA VAL B 124 -12.41 -9.04 -4.26
C VAL B 124 -12.84 -10.44 -4.73
N TRP B 125 -12.36 -10.82 -5.91
CA TRP B 125 -12.68 -12.14 -6.50
C TRP B 125 -11.50 -13.03 -6.63
N ASP B 126 -11.61 -14.23 -6.06
CA ASP B 126 -10.59 -15.29 -6.24
C ASP B 126 -10.87 -15.92 -7.58
N TYR B 127 -9.82 -16.18 -8.34
CA TYR B 127 -10.01 -16.75 -9.72
C TYR B 127 -8.85 -17.60 -10.14
N GLU B 128 -9.04 -18.40 -11.19
CA GLU B 128 -7.96 -19.14 -11.81
C GLU B 128 -7.65 -18.40 -13.10
N GLU B 129 -6.37 -18.36 -13.49
CA GLU B 129 -5.98 -17.55 -14.63
C GLU B 129 -6.77 -17.78 -15.91
N GLY B 130 -7.20 -19.02 -16.22
CA GLY B 130 -7.92 -19.26 -17.47
C GLY B 130 -9.27 -18.59 -17.61
N GLU B 131 -9.89 -18.23 -16.49
CA GLU B 131 -11.23 -17.63 -16.53
C GLU B 131 -11.27 -16.13 -16.49
N VAL B 132 -10.13 -15.47 -16.46
CA VAL B 132 -10.15 -14.01 -16.23
C VAL B 132 -11.01 -13.23 -17.28
N GLU B 133 -11.03 -13.65 -18.55
CA GLU B 133 -11.80 -12.91 -19.56
C GLU B 133 -13.28 -13.01 -19.29
N ALA B 134 -13.74 -14.21 -18.98
CA ALA B 134 -15.17 -14.41 -18.67
C ALA B 134 -15.59 -13.67 -17.41
N LEU B 135 -14.66 -13.55 -16.44
CA LEU B 135 -14.97 -12.81 -15.24
C LEU B 135 -15.01 -11.33 -15.46
N LEU B 136 -14.12 -10.80 -16.33
CA LEU B 136 -14.22 -9.37 -16.63
C LEU B 136 -15.49 -9.11 -17.42
N ASP B 137 -15.90 -10.02 -18.35
CA ASP B 137 -17.18 -9.81 -19.05
C ASP B 137 -18.33 -9.81 -18.05
N ARG B 138 -18.33 -10.75 -17.07
CA ARG B 138 -19.38 -10.78 -16.05
C ARG B 138 -19.48 -9.48 -15.27
N TYR B 139 -18.32 -8.98 -14.84
CA TYR B 139 -18.29 -7.74 -14.07
C TYR B 139 -18.87 -6.57 -14.83
N PHE B 140 -18.48 -6.38 -16.12
CA PHE B 140 -18.98 -5.22 -16.86
C PHE B 140 -20.41 -5.44 -17.45
N GLU B 141 -20.93 -6.68 -17.41
CA GLU B 141 -22.29 -6.98 -17.86
C GLU B 141 -23.28 -6.80 -16.72
#